data_5FTD
#
_entry.id   5FTD
#
_cell.length_a   66.783
_cell.length_b   70.747
_cell.length_c   103.985
_cell.angle_alpha   90.00
_cell.angle_beta   90.00
_cell.angle_gamma   90.00
#
_symmetry.space_group_name_H-M   'P 21 21 21'
#
loop_
_entity.id
_entity.type
_entity.pdbx_description
1 polymer 'TPR DOMAIN PROTEIN'
2 non-polymer 'PHOSPHATE ION'
3 water water
#
_entity_poly.entity_id   1
_entity_poly.type   'polypeptide(L)'
_entity_poly.pdbx_seq_one_letter_code
;MEDMILTEEMQKIMNLIQDDENNVFVTGKAGSGKTTFLKYLIEKSGKNCIVAAPTGIAAINAGGVTLHSLFGIPFGPITP
YDRLENKFSEYKVELLLKMELLIIDEISMVRPDILDTIDRKLRWVYESDEPFGGVQVIMFGDLFQLPPVTKKQEREILSD
FYDGFFFFNALVFKRTGFHIVELTKIFRQTEPEFINVLNNIRNYQVTSDELDLLSELKDRKISSSYDNEYIHICTHKADV
EKINADKLGEQEIRNYDIVIKDKFPESSIPCDLHLKLRVGARVMSLVNDSLKGYYNGMLGIVTALEDNVITVRMDNGRTI
KFERYTWSNTQYTLKDNEIVKEEIGSCTQFPLTLAWAITIHKSQGLTFDKIIIHVSHTFCPGQLYVALSRCRTLEGIVSD
AFITKQMIIPEYALIDFERAYKSEGNYYGKRLD
;
_entity_poly.pdbx_strand_id   A
#
loop_
_chem_comp.id
_chem_comp.type
_chem_comp.name
_chem_comp.formula
PO4 non-polymer 'PHOSPHATE ION' 'O4 P -3'
#
# COMPACT_ATOMS: atom_id res chain seq x y z
N ASP A 3 -8.92 -3.76 -20.12
CA ASP A 3 -9.59 -3.74 -18.83
C ASP A 3 -10.02 -2.31 -18.46
N MET A 4 -9.05 -1.43 -18.35
CA MET A 4 -9.16 -0.32 -17.44
C MET A 4 -10.16 0.76 -17.88
N ILE A 5 -10.98 1.20 -16.93
CA ILE A 5 -11.91 2.29 -17.12
C ILE A 5 -11.18 3.61 -16.83
N LEU A 6 -11.15 4.49 -17.83
CA LEU A 6 -10.56 5.80 -17.68
C LEU A 6 -11.61 6.78 -17.19
N THR A 7 -11.44 7.27 -15.97
CA THR A 7 -12.38 8.21 -15.39
C THR A 7 -11.99 9.65 -15.66
N GLU A 8 -12.93 10.58 -15.44
CA GLU A 8 -12.65 12.01 -15.58
C GLU A 8 -11.51 12.42 -14.65
N GLU A 9 -11.50 11.86 -13.44
CA GLU A 9 -10.40 12.17 -12.52
C GLU A 9 -9.03 11.70 -13.02
N MET A 10 -8.96 10.48 -13.53
CA MET A 10 -7.72 10.02 -14.13
C MET A 10 -7.30 10.95 -15.26
N GLN A 11 -8.24 11.36 -16.09
CA GLN A 11 -7.88 12.20 -17.22
C GLN A 11 -7.36 13.56 -16.73
N LYS A 12 -7.93 14.05 -15.64
CA LYS A 12 -7.46 15.30 -15.06
C LYS A 12 -6.01 15.20 -14.65
N ILE A 13 -5.62 14.08 -14.06
CA ILE A 13 -4.21 13.86 -13.70
C ILE A 13 -3.32 13.89 -14.97
N MET A 14 -3.74 13.16 -15.99
CA MET A 14 -2.96 13.13 -17.22
C MET A 14 -2.88 14.53 -17.86
N ASN A 15 -3.98 15.30 -17.81
CA ASN A 15 -3.94 16.68 -18.24
C ASN A 15 -2.89 17.53 -17.47
N LEU A 16 -2.88 17.40 -16.14
CA LEU A 16 -1.93 18.10 -15.32
C LEU A 16 -0.49 17.74 -15.65
N ILE A 17 -0.23 16.48 -15.93
CA ILE A 17 1.14 15.98 -16.13
C ILE A 17 1.75 16.51 -17.42
N GLN A 18 0.90 16.96 -18.34
CA GLN A 18 1.39 17.52 -19.63
C GLN A 18 2.41 18.64 -19.43
N ASP A 19 2.18 19.44 -18.39
CA ASP A 19 3.04 20.53 -18.01
C ASP A 19 4.08 19.98 -17.07
N ASP A 20 5.32 19.91 -17.54
CA ASP A 20 6.45 19.37 -16.79
C ASP A 20 6.61 19.96 -15.42
N GLU A 21 6.09 21.17 -15.25
CA GLU A 21 6.23 21.90 -13.98
C GLU A 21 5.21 21.48 -12.92
N ASN A 22 4.24 20.64 -13.30
CA ASN A 22 3.22 20.17 -12.36
C ASN A 22 3.63 18.86 -11.70
N ASN A 23 3.80 18.93 -10.39
CA ASN A 23 3.86 17.73 -9.57
C ASN A 23 2.43 17.39 -9.13
N VAL A 24 2.16 16.11 -8.92
CA VAL A 24 0.82 15.64 -8.61
C VAL A 24 0.83 14.52 -7.58
N PHE A 25 -0.11 14.61 -6.62
CA PHE A 25 -0.45 13.53 -5.69
C PHE A 25 -1.77 12.90 -6.12
N VAL A 26 -1.70 11.62 -6.46
CA VAL A 26 -2.83 10.79 -6.82
C VAL A 26 -3.21 9.93 -5.63
N THR A 27 -4.40 10.18 -5.10
CA THR A 27 -4.82 9.50 -3.90
C THR A 27 -6.20 8.87 -4.08
N GLY A 28 -6.68 8.20 -3.05
CA GLY A 28 -7.95 7.48 -3.15
C GLY A 28 -7.98 6.17 -2.39
N LYS A 29 -9.18 5.75 -2.04
CA LYS A 29 -9.38 4.53 -1.25
C LYS A 29 -9.12 3.27 -2.03
N ALA A 30 -9.00 2.16 -1.29
CA ALA A 30 -8.87 0.87 -1.90
C ALA A 30 -10.02 0.70 -2.89
N GLY A 31 -9.70 0.17 -4.06
CA GLY A 31 -10.70 -0.13 -5.06
C GLY A 31 -11.02 1.05 -5.96
N SER A 32 -10.19 2.09 -5.97
CA SER A 32 -10.46 3.28 -6.77
C SER A 32 -9.62 3.28 -8.06
N GLY A 33 -8.84 2.23 -8.25
CA GLY A 33 -8.14 2.05 -9.51
C GLY A 33 -6.76 2.65 -9.55
N LYS A 34 -6.20 2.97 -8.38
CA LYS A 34 -4.84 3.55 -8.31
C LYS A 34 -3.79 2.63 -8.94
N THR A 35 -3.86 1.35 -8.60
CA THR A 35 -2.87 0.38 -9.07
C THR A 35 -2.82 0.30 -10.59
N THR A 36 -3.97 0.15 -11.22
CA THR A 36 -3.99 0.03 -12.67
C THR A 36 -3.67 1.37 -13.34
N PHE A 37 -4.16 2.45 -12.75
CA PHE A 37 -3.92 3.76 -13.32
C PHE A 37 -2.44 4.12 -13.26
N LEU A 38 -1.74 3.68 -12.22
CA LEU A 38 -0.29 3.86 -12.16
C LEU A 38 0.41 3.26 -13.40
N LYS A 39 -0.01 2.05 -13.75
CA LYS A 39 0.60 1.38 -14.90
C LYS A 39 0.32 2.14 -16.19
N TYR A 40 -0.94 2.55 -16.34
CA TYR A 40 -1.37 3.39 -17.44
C TYR A 40 -0.59 4.69 -17.57
N LEU A 41 -0.48 5.41 -16.45
CA LEU A 41 0.16 6.70 -16.46
C LEU A 41 1.61 6.62 -16.98
N ILE A 42 2.31 5.58 -16.57
CA ILE A 42 3.68 5.37 -17.04
C ILE A 42 3.73 5.27 -18.55
N GLU A 43 2.92 4.37 -19.12
CA GLU A 43 2.88 4.20 -20.57
C GLU A 43 2.43 5.43 -21.35
N LYS A 44 1.46 6.16 -20.82
CA LYS A 44 0.92 7.29 -21.56
C LYS A 44 1.64 8.61 -21.26
N SER A 45 2.64 8.58 -20.37
CA SER A 45 3.33 9.81 -19.94
C SER A 45 4.20 10.36 -21.05
N GLY A 46 4.75 9.45 -21.85
CA GLY A 46 5.66 9.82 -22.91
C GLY A 46 6.98 10.32 -22.37
N LYS A 47 7.31 9.92 -21.15
CA LYS A 47 8.51 10.41 -20.48
C LYS A 47 9.36 9.26 -20.00
N ASN A 48 10.65 9.55 -19.77
CA ASN A 48 11.53 8.59 -19.12
C ASN A 48 11.19 8.54 -17.63
N CYS A 49 10.51 7.47 -17.22
CA CYS A 49 9.90 7.34 -15.87
C CYS A 49 10.66 6.34 -15.02
N ILE A 50 10.83 6.62 -13.74
CA ILE A 50 11.25 5.63 -12.76
C ILE A 50 10.20 5.55 -11.66
N VAL A 51 9.80 4.34 -11.32
CA VAL A 51 8.86 4.11 -10.23
C VAL A 51 9.65 3.65 -9.03
N ALA A 52 9.46 4.31 -7.89
CA ALA A 52 10.14 3.96 -6.65
C ALA A 52 9.15 3.87 -5.49
N ALA A 53 9.49 3.12 -4.46
CA ALA A 53 8.60 2.99 -3.31
C ALA A 53 9.43 2.88 -2.04
N PRO A 54 8.83 3.22 -0.91
CA PRO A 54 9.53 3.18 0.38
C PRO A 54 9.78 1.76 0.87
N THR A 55 9.03 0.78 0.38
CA THR A 55 9.25 -0.62 0.81
C THR A 55 9.46 -1.57 -0.39
N GLY A 56 10.18 -2.66 -0.13
CA GLY A 56 10.52 -3.62 -1.17
C GLY A 56 9.29 -4.26 -1.77
N ILE A 57 8.33 -4.62 -0.94
CA ILE A 57 7.13 -5.27 -1.47
C ILE A 57 6.35 -4.33 -2.39
N ALA A 58 6.20 -3.07 -1.94
CA ALA A 58 5.53 -2.07 -2.76
C ALA A 58 6.28 -1.84 -4.07
N ALA A 59 7.61 -1.85 -4.00
CA ALA A 59 8.42 -1.65 -5.21
C ALA A 59 8.19 -2.78 -6.19
N ILE A 60 8.29 -4.02 -5.71
CA ILE A 60 8.10 -5.22 -6.52
C ILE A 60 6.77 -5.17 -7.21
N ASN A 61 5.74 -4.83 -6.47
CA ASN A 61 4.40 -4.87 -7.00
C ASN A 61 4.12 -3.73 -7.97
N ALA A 62 4.82 -2.62 -7.83
CA ALA A 62 4.68 -1.54 -8.81
C ALA A 62 5.60 -1.71 -10.04
N GLY A 63 6.42 -2.76 -10.08
CA GLY A 63 7.37 -2.96 -11.15
C GLY A 63 8.54 -1.98 -11.11
N GLY A 64 8.80 -1.41 -9.92
CA GLY A 64 9.93 -0.51 -9.75
C GLY A 64 10.98 -0.92 -8.74
N VAL A 65 11.57 0.06 -8.08
CA VAL A 65 12.71 -0.16 -7.19
C VAL A 65 12.44 0.56 -5.86
N THR A 66 13.14 0.18 -4.81
CA THR A 66 13.02 0.94 -3.56
C THR A 66 13.70 2.28 -3.67
N LEU A 67 13.17 3.26 -2.95
CA LEU A 67 13.82 4.56 -2.85
C LEU A 67 15.24 4.43 -2.29
N HIS A 68 15.39 3.52 -1.35
CA HIS A 68 16.66 3.37 -0.68
C HIS A 68 17.74 2.84 -1.63
N SER A 69 17.39 1.85 -2.44
CA SER A 69 18.27 1.33 -3.48
C SER A 69 18.62 2.39 -4.54
N LEU A 70 17.59 3.05 -5.03
CA LEU A 70 17.74 3.99 -6.13
C LEU A 70 18.62 5.18 -5.77
N PHE A 71 18.38 5.78 -4.61
CA PHE A 71 19.08 7.01 -4.23
C PHE A 71 20.18 6.78 -3.19
N GLY A 72 20.41 5.53 -2.82
CA GLY A 72 21.42 5.22 -1.81
C GLY A 72 21.12 5.88 -0.48
N ILE A 73 19.88 5.73 -0.03
CA ILE A 73 19.39 6.36 1.21
C ILE A 73 19.30 5.32 2.33
N PRO A 74 19.90 5.58 3.49
CA PRO A 74 19.72 4.64 4.61
C PRO A 74 18.30 4.63 5.15
N PHE A 75 17.99 3.64 5.97
CA PHE A 75 16.63 3.45 6.44
C PHE A 75 16.29 4.48 7.53
N GLY A 76 17.28 4.80 8.35
CA GLY A 76 17.10 5.65 9.52
C GLY A 76 16.97 7.14 9.22
N PRO A 77 16.68 7.94 10.25
CA PRO A 77 16.36 9.35 10.07
C PRO A 77 17.58 10.23 9.79
N ILE A 78 17.43 11.16 8.86
CA ILE A 78 18.49 12.05 8.42
C ILE A 78 17.92 13.46 8.58
N THR A 79 18.62 14.39 9.23
CA THR A 79 18.15 15.76 9.25
C THR A 79 18.67 16.47 8.01
N PRO A 80 18.10 17.63 7.66
CA PRO A 80 18.44 18.38 6.45
C PRO A 80 19.88 18.87 6.41
N TYR A 81 20.53 18.84 7.55
CA TYR A 81 21.90 19.33 7.65
C TYR A 81 22.90 18.22 7.91
N ASP A 82 22.42 16.99 8.08
CA ASP A 82 23.33 15.86 8.22
C ASP A 82 24.14 15.67 6.94
N ARG A 83 25.36 15.17 7.08
CA ARG A 83 26.19 14.88 5.93
C ARG A 83 25.59 13.71 5.16
N LEU A 84 25.58 13.81 3.85
CA LEU A 84 25.07 12.77 2.97
C LEU A 84 26.18 11.99 2.27
N GLU A 85 26.10 10.66 2.34
CA GLU A 85 26.89 9.78 1.49
C GLU A 85 26.49 10.02 0.04
N ASN A 86 27.25 10.85 -0.68
CA ASN A 86 26.95 11.11 -2.09
C ASN A 86 27.85 10.26 -2.99
N LYS A 87 27.66 8.95 -2.88
CA LYS A 87 28.41 8.00 -3.67
C LYS A 87 27.47 7.27 -4.62
N PHE A 88 27.41 7.79 -5.85
CA PHE A 88 26.68 7.15 -6.91
C PHE A 88 27.68 6.57 -7.91
N SER A 89 27.41 5.36 -8.36
CA SER A 89 28.15 4.81 -9.49
C SER A 89 27.96 5.69 -10.70
N GLU A 90 28.89 5.61 -11.64
CA GLU A 90 28.74 6.30 -12.92
C GLU A 90 27.42 5.98 -13.60
N TYR A 91 27.07 4.70 -13.65
CA TYR A 91 25.87 4.30 -14.33
C TYR A 91 24.62 4.88 -13.64
N LYS A 92 24.67 4.98 -12.32
CA LYS A 92 23.53 5.52 -11.57
C LYS A 92 23.34 6.99 -11.91
N VAL A 93 24.44 7.73 -11.99
CA VAL A 93 24.39 9.12 -12.38
C VAL A 93 23.80 9.27 -13.76
N GLU A 94 24.28 8.45 -14.71
CA GLU A 94 23.75 8.56 -16.07
C GLU A 94 22.24 8.33 -16.06
N LEU A 95 21.81 7.36 -15.28
CA LEU A 95 20.40 7.00 -15.21
C LEU A 95 19.56 8.15 -14.66
N LEU A 96 19.99 8.67 -13.52
CA LEU A 96 19.24 9.69 -12.83
C LEU A 96 19.17 10.97 -13.67
N LEU A 97 20.21 11.23 -14.47
CA LEU A 97 20.20 12.37 -15.38
C LEU A 97 19.28 12.20 -16.56
N LYS A 98 18.80 10.98 -16.83
CA LYS A 98 17.84 10.76 -17.91
C LYS A 98 16.41 10.69 -17.40
N MET A 99 16.27 10.59 -16.09
CA MET A 99 14.95 10.47 -15.49
C MET A 99 14.23 11.83 -15.57
N GLU A 100 13.14 11.87 -16.31
CA GLU A 100 12.33 13.07 -16.43
C GLU A 100 11.20 13.10 -15.40
N LEU A 101 10.81 11.92 -14.95
CA LEU A 101 9.62 11.78 -14.12
C LEU A 101 9.88 10.72 -13.08
N LEU A 102 9.77 11.09 -11.81
CA LEU A 102 9.88 10.17 -10.70
C LEU A 102 8.49 9.90 -10.15
N ILE A 103 8.09 8.64 -10.12
CA ILE A 103 6.81 8.24 -9.52
C ILE A 103 7.11 7.54 -8.21
N ILE A 104 6.58 8.09 -7.13
CA ILE A 104 6.77 7.51 -5.80
C ILE A 104 5.46 6.88 -5.34
N ASP A 105 5.45 5.57 -5.26
CA ASP A 105 4.26 4.83 -4.85
C ASP A 105 4.22 4.69 -3.32
N GLU A 106 3.03 4.46 -2.79
CA GLU A 106 2.83 4.34 -1.34
C GLU A 106 3.37 5.52 -0.57
N ILE A 107 3.05 6.72 -1.03
CA ILE A 107 3.71 7.92 -0.55
C ILE A 107 3.43 8.16 0.93
N SER A 108 2.32 7.69 1.45
CA SER A 108 2.04 8.00 2.85
C SER A 108 3.00 7.21 3.75
N MET A 109 3.67 6.18 3.21
CA MET A 109 4.68 5.44 3.95
C MET A 109 6.09 6.07 3.85
N VAL A 110 6.20 7.20 3.17
CA VAL A 110 7.47 7.94 3.02
C VAL A 110 7.62 9.03 4.07
N ARG A 111 8.62 8.86 4.92
CA ARG A 111 8.93 9.89 5.94
C ARG A 111 9.35 11.18 5.28
N PRO A 112 8.99 12.33 5.87
CA PRO A 112 9.36 13.60 5.23
C PRO A 112 10.88 13.76 5.06
N ASP A 113 11.71 13.25 5.95
CA ASP A 113 13.14 13.42 5.74
C ASP A 113 13.62 12.69 4.48
N ILE A 114 12.98 11.58 4.15
CA ILE A 114 13.30 10.83 2.94
C ILE A 114 13.11 11.68 1.70
N LEU A 115 11.98 12.38 1.62
CA LEU A 115 11.74 13.24 0.48
C LEU A 115 12.75 14.34 0.41
N ASP A 116 13.13 14.89 1.57
CA ASP A 116 14.12 15.94 1.57
C ASP A 116 15.50 15.37 1.15
N THR A 117 15.80 14.13 1.53
CA THR A 117 17.07 13.51 1.11
C THR A 117 17.05 13.26 -0.39
N ILE A 118 15.92 12.84 -0.96
CA ILE A 118 15.78 12.70 -2.42
C ILE A 118 15.98 14.06 -3.11
N ASP A 119 15.32 15.11 -2.61
CA ASP A 119 15.56 16.46 -3.12
C ASP A 119 17.04 16.81 -3.14
N ARG A 120 17.71 16.62 -2.02
CA ARG A 120 19.10 17.00 -1.88
C ARG A 120 19.97 16.23 -2.86
N LYS A 121 19.71 14.95 -3.01
CA LYS A 121 20.56 14.15 -3.86
C LYS A 121 20.37 14.47 -5.32
N LEU A 122 19.15 14.78 -5.73
CA LEU A 122 18.88 15.11 -7.11
C LEU A 122 19.46 16.49 -7.45
N ARG A 123 19.39 17.43 -6.52
CA ARG A 123 20.03 18.72 -6.73
C ARG A 123 21.56 18.57 -6.86
N TRP A 124 22.13 17.64 -6.10
CA TRP A 124 23.55 17.33 -6.21
C TRP A 124 23.89 16.74 -7.60
N VAL A 125 23.09 15.78 -8.04
CA VAL A 125 23.31 15.12 -9.31
C VAL A 125 23.12 16.07 -10.49
N TYR A 126 22.06 16.86 -10.45
CA TYR A 126 21.77 17.78 -11.53
C TYR A 126 22.56 19.11 -11.44
N GLU A 127 23.35 19.27 -10.38
CA GLU A 127 24.01 20.55 -10.08
C GLU A 127 23.05 21.70 -10.26
N SER A 128 21.93 21.64 -9.56
CA SER A 128 20.82 22.55 -9.76
C SER A 128 20.27 22.97 -8.41
N ASP A 129 19.75 24.20 -8.36
CA ASP A 129 19.04 24.70 -7.18
C ASP A 129 17.54 24.43 -7.25
N GLU A 130 17.06 23.83 -8.33
CA GLU A 130 15.62 23.61 -8.41
C GLU A 130 15.25 22.38 -7.59
N PRO A 131 14.06 22.41 -6.98
CA PRO A 131 13.64 21.25 -6.18
C PRO A 131 13.66 19.97 -6.98
N PHE A 132 14.14 18.90 -6.34
CA PHE A 132 14.28 17.59 -6.97
C PHE A 132 15.09 17.68 -8.26
N GLY A 133 15.93 18.72 -8.37
CA GLY A 133 16.82 18.85 -9.51
C GLY A 133 16.07 19.19 -10.78
N GLY A 134 14.85 19.64 -10.60
CA GLY A 134 13.92 19.88 -11.71
C GLY A 134 13.16 18.66 -12.23
N VAL A 135 13.35 17.49 -11.62
CA VAL A 135 12.60 16.29 -12.01
C VAL A 135 11.13 16.47 -11.59
N GLN A 136 10.22 16.12 -12.48
CA GLN A 136 8.79 16.12 -12.19
C GLN A 136 8.46 14.97 -11.28
N VAL A 137 7.67 15.21 -10.24
CA VAL A 137 7.39 14.17 -9.26
C VAL A 137 5.90 13.88 -9.17
N ILE A 138 5.54 12.61 -9.31
CA ILE A 138 4.18 12.16 -9.09
C ILE A 138 4.21 11.20 -7.92
N MET A 139 3.26 11.39 -7.00
CA MET A 139 3.16 10.59 -5.81
C MET A 139 1.82 9.87 -5.80
N PHE A 140 1.82 8.59 -5.44
CA PHE A 140 0.61 7.76 -5.43
C PHE A 140 0.41 7.22 -4.03
N GLY A 141 -0.83 7.18 -3.57
CA GLY A 141 -1.12 6.41 -2.39
C GLY A 141 -2.41 6.85 -1.74
N ASP A 142 -2.94 5.93 -0.94
CA ASP A 142 -4.08 6.22 -0.05
C ASP A 142 -3.55 7.09 1.07
N LEU A 143 -4.11 8.29 1.20
CA LEU A 143 -3.65 9.23 2.21
C LEU A 143 -3.83 8.64 3.61
N PHE A 144 -4.85 7.82 3.78
CA PHE A 144 -5.20 7.33 5.11
C PHE A 144 -4.71 5.89 5.36
N GLN A 145 -3.72 5.45 4.58
CA GLN A 145 -3.05 4.18 4.86
C GLN A 145 -2.37 4.30 6.22
N LEU A 146 -2.40 3.23 7.02
CA LEU A 146 -1.89 3.28 8.38
C LEU A 146 -0.43 3.68 8.46
N PRO A 147 -0.14 4.76 9.22
CA PRO A 147 1.18 5.35 9.42
C PRO A 147 2.26 4.31 9.74
N PRO A 148 3.51 4.55 9.31
CA PRO A 148 4.55 3.62 9.77
C PRO A 148 4.83 3.82 11.26
N VAL A 149 5.11 2.75 11.99
CA VAL A 149 5.39 2.85 13.43
C VAL A 149 6.70 3.63 13.63
N THR A 150 6.62 4.75 14.34
CA THR A 150 7.80 5.58 14.57
C THR A 150 8.57 5.08 15.77
N LYS A 151 9.88 4.92 15.61
CA LYS A 151 10.76 4.56 16.71
C LYS A 151 11.03 5.84 17.48
N LYS A 152 11.08 5.74 18.81
CA LYS A 152 11.14 6.95 19.64
C LYS A 152 12.37 7.80 19.31
N GLN A 153 13.44 7.14 18.86
CA GLN A 153 14.64 7.85 18.48
C GLN A 153 14.42 8.62 17.17
N GLU A 154 13.81 7.98 16.17
CA GLU A 154 13.36 8.68 14.98
C GLU A 154 12.57 9.91 15.36
N ARG A 155 11.57 9.72 16.23
CA ARG A 155 10.72 10.82 16.64
C ARG A 155 11.55 11.92 17.28
N GLU A 156 12.56 11.52 18.03
CA GLU A 156 13.46 12.47 18.65
C GLU A 156 14.18 13.29 17.61
N ILE A 157 14.88 12.59 16.72
CA ILE A 157 15.65 13.21 15.66
C ILE A 157 14.83 14.18 14.82
N LEU A 158 13.76 13.68 14.24
CA LEU A 158 13.06 14.40 13.19
C LEU A 158 12.21 15.52 13.76
N SER A 159 11.77 15.38 15.00
CA SER A 159 10.85 16.36 15.59
C SER A 159 11.43 17.77 15.62
N ASP A 160 12.74 17.86 15.57
CA ASP A 160 13.38 19.17 15.59
C ASP A 160 13.12 19.98 14.32
N PHE A 161 12.83 19.30 13.20
CA PHE A 161 12.76 19.97 11.89
C PHE A 161 11.40 19.91 11.27
N TYR A 162 10.67 18.87 11.63
CA TYR A 162 9.43 18.60 10.96
C TYR A 162 8.24 18.82 11.86
N ASP A 163 7.23 19.49 11.31
CA ASP A 163 5.98 19.77 12.01
C ASP A 163 5.03 18.57 12.02
N GLY A 164 5.52 17.40 11.60
CA GLY A 164 4.75 16.18 11.60
C GLY A 164 5.53 15.11 10.88
N PHE A 165 5.07 13.87 10.97
CA PHE A 165 5.82 12.73 10.45
C PHE A 165 5.23 12.18 9.18
N PHE A 166 4.67 13.06 8.36
CA PHE A 166 4.06 12.66 7.10
C PHE A 166 4.80 13.32 5.94
N PHE A 167 4.61 12.77 4.74
CA PHE A 167 5.41 13.16 3.57
C PHE A 167 5.27 14.62 3.26
N PHE A 168 4.05 15.14 3.42
CA PHE A 168 3.75 16.50 3.07
C PHE A 168 4.39 17.50 4.04
N ASN A 169 4.99 17.01 5.13
CA ASN A 169 5.76 17.88 6.04
C ASN A 169 7.20 18.11 5.57
N ALA A 170 7.57 17.52 4.45
CA ALA A 170 8.93 17.72 3.93
C ALA A 170 9.21 19.19 3.62
N LEU A 171 10.42 19.64 3.94
CA LEU A 171 10.79 21.03 3.75
C LEU A 171 10.80 21.47 2.30
N VAL A 172 11.00 20.51 1.39
CA VAL A 172 11.01 20.83 -0.03
C VAL A 172 9.68 21.45 -0.46
N PHE A 173 8.62 21.25 0.32
CA PHE A 173 7.31 21.80 -0.09
C PHE A 173 7.13 23.25 0.32
N LYS A 174 8.17 23.84 0.91
CA LYS A 174 8.31 25.29 0.99
C LYS A 174 8.83 25.88 -0.33
N ARG A 175 9.36 25.05 -1.22
CA ARG A 175 10.04 25.55 -2.42
C ARG A 175 9.40 25.04 -3.71
N THR A 176 8.57 24.03 -3.58
CA THR A 176 7.72 23.53 -4.66
C THR A 176 6.41 23.02 -4.04
N GLY A 177 5.48 22.59 -4.88
CA GLY A 177 4.18 22.13 -4.43
C GLY A 177 3.63 21.14 -5.42
N PHE A 178 2.41 20.70 -5.17
CA PHE A 178 1.79 19.68 -5.98
C PHE A 178 0.29 19.78 -5.96
N HIS A 179 -0.30 19.45 -7.10
CA HIS A 179 -1.72 19.25 -7.22
C HIS A 179 -2.14 17.94 -6.60
N ILE A 180 -3.40 17.87 -6.17
CA ILE A 180 -3.95 16.62 -5.68
C ILE A 180 -5.17 16.28 -6.45
N VAL A 181 -5.23 15.05 -6.91
CA VAL A 181 -6.47 14.51 -7.48
C VAL A 181 -6.82 13.22 -6.78
N GLU A 182 -8.02 13.16 -6.21
CA GLU A 182 -8.51 11.93 -5.56
C GLU A 182 -9.33 11.12 -6.54
N LEU A 183 -8.94 9.87 -6.74
CA LEU A 183 -9.77 8.91 -7.46
C LEU A 183 -10.93 8.49 -6.54
N THR A 184 -12.17 8.84 -6.90
CA THR A 184 -13.32 8.67 -5.98
C THR A 184 -14.36 7.69 -6.48
N LYS A 185 -14.03 6.95 -7.52
CA LYS A 185 -14.98 6.03 -8.14
C LYS A 185 -15.38 4.86 -7.25
N ILE A 186 -14.40 4.02 -7.00
CA ILE A 186 -14.57 2.61 -6.69
C ILE A 186 -15.78 1.91 -7.32
N PHE A 187 -16.98 2.48 -7.18
CA PHE A 187 -18.16 2.01 -7.93
C PHE A 187 -18.63 0.61 -7.49
N ARG A 188 -19.19 0.56 -6.27
CA ARG A 188 -19.75 -0.65 -5.61
C ARG A 188 -19.59 -0.52 -4.10
N GLN A 189 -18.69 0.36 -3.67
CA GLN A 189 -18.64 0.82 -2.28
C GLN A 189 -19.32 2.17 -2.33
N THR A 190 -20.55 2.16 -1.84
CA THR A 190 -21.64 2.72 -2.62
C THR A 190 -22.85 3.06 -1.76
N GLU A 191 -23.16 2.19 -0.81
CA GLU A 191 -24.37 2.32 -0.02
C GLU A 191 -24.22 3.34 1.14
N PRO A 192 -25.11 4.34 1.18
CA PRO A 192 -24.96 5.63 1.87
C PRO A 192 -24.62 5.54 3.36
N GLU A 193 -25.35 4.72 4.08
CA GLU A 193 -25.15 4.60 5.51
C GLU A 193 -23.71 4.20 5.84
N PHE A 194 -23.13 3.31 5.03
CA PHE A 194 -21.80 2.77 5.33
C PHE A 194 -20.74 3.84 5.03
N ILE A 195 -20.85 4.46 3.86
CA ILE A 195 -19.92 5.52 3.47
C ILE A 195 -19.89 6.61 4.53
N ASN A 196 -21.07 6.99 5.02
CA ASN A 196 -21.15 8.07 6.00
C ASN A 196 -20.53 7.69 7.34
N VAL A 197 -20.82 6.46 7.78
CA VAL A 197 -20.25 5.93 9.00
C VAL A 197 -18.72 5.99 8.94
N LEU A 198 -18.17 5.49 7.83
CA LEU A 198 -16.73 5.41 7.69
C LEU A 198 -16.12 6.81 7.69
N ASN A 199 -16.74 7.72 6.96
CA ASN A 199 -16.21 9.09 6.90
C ASN A 199 -16.30 9.78 8.26
N ASN A 200 -17.41 9.56 8.96
CA ASN A 200 -17.53 10.14 10.27
C ASN A 200 -16.56 9.54 11.28
N ILE A 201 -16.25 8.25 11.16
CA ILE A 201 -15.22 7.68 12.00
C ILE A 201 -13.85 8.31 11.66
N ARG A 202 -13.58 8.44 10.38
CA ARG A 202 -12.31 9.00 9.91
C ARG A 202 -12.12 10.41 10.47
N ASN A 203 -13.19 11.17 10.52
CA ASN A 203 -13.11 12.58 10.92
C ASN A 203 -13.49 12.89 12.39
N TYR A 204 -13.78 11.85 13.16
CA TYR A 204 -14.22 11.98 14.54
C TYR A 204 -15.46 12.87 14.68
N GLN A 205 -16.51 12.55 13.94
CA GLN A 205 -17.82 13.21 14.15
C GLN A 205 -18.95 12.20 14.01
N VAL A 206 -18.83 11.13 14.78
CA VAL A 206 -19.84 10.09 14.74
C VAL A 206 -21.01 10.55 15.58
N THR A 207 -22.20 10.24 15.10
CA THR A 207 -23.45 10.51 15.82
C THR A 207 -23.81 9.43 16.82
N SER A 208 -24.77 9.72 17.70
CA SER A 208 -25.22 8.71 18.64
C SER A 208 -25.82 7.52 17.89
N ASP A 209 -26.58 7.79 16.83
CA ASP A 209 -27.17 6.72 16.03
C ASP A 209 -26.08 5.85 15.40
N GLU A 210 -25.00 6.47 14.96
CA GLU A 210 -23.93 5.70 14.34
C GLU A 210 -23.18 4.88 15.39
N LEU A 211 -23.05 5.41 16.60
CA LEU A 211 -22.46 4.63 17.67
C LEU A 211 -23.32 3.40 17.94
N ASP A 212 -24.64 3.53 17.78
CA ASP A 212 -25.56 2.41 17.99
C ASP A 212 -25.39 1.39 16.89
N LEU A 213 -25.23 1.89 15.67
CA LEU A 213 -24.98 1.06 14.51
C LEU A 213 -23.73 0.21 14.75
N LEU A 214 -22.71 0.83 15.33
CA LEU A 214 -21.44 0.15 15.55
C LEU A 214 -21.57 -0.91 16.67
N SER A 215 -22.36 -0.63 17.71
CA SER A 215 -22.50 -1.59 18.80
C SER A 215 -23.22 -2.85 18.32
N GLU A 216 -24.04 -2.72 17.29
CA GLU A 216 -24.78 -3.84 16.76
C GLU A 216 -23.90 -4.82 15.98
N LEU A 217 -22.64 -4.45 15.76
CA LEU A 217 -21.71 -5.35 15.08
C LEU A 217 -21.22 -6.47 16.00
N LYS A 218 -21.34 -6.32 17.32
CA LYS A 218 -20.79 -7.32 18.24
C LYS A 218 -21.59 -8.61 18.11
N ASP A 219 -20.85 -9.70 17.96
CA ASP A 219 -21.46 -11.04 17.89
C ASP A 219 -20.49 -12.10 18.39
N ARG A 220 -20.70 -12.62 19.60
CA ARG A 220 -19.73 -13.54 20.18
C ARG A 220 -19.69 -14.82 19.35
N LYS A 221 -20.85 -15.27 18.90
CA LYS A 221 -20.96 -16.54 18.19
C LYS A 221 -20.15 -16.53 16.89
N ILE A 222 -20.44 -15.56 16.03
CA ILE A 222 -19.75 -15.49 14.76
C ILE A 222 -18.28 -15.17 14.99
N SER A 223 -17.98 -14.23 15.88
CA SER A 223 -16.60 -13.77 16.05
C SER A 223 -15.70 -14.86 16.65
N SER A 224 -16.28 -15.93 17.22
CA SER A 224 -15.47 -16.94 17.88
C SER A 224 -15.42 -18.20 17.00
N SER A 225 -16.07 -18.13 15.84
CA SER A 225 -16.02 -19.21 14.87
C SER A 225 -14.91 -19.02 13.82
N TYR A 226 -14.27 -20.11 13.41
CA TYR A 226 -13.25 -20.07 12.38
C TYR A 226 -13.60 -21.00 11.23
N ASP A 227 -14.89 -21.19 11.01
CA ASP A 227 -15.38 -22.15 10.02
C ASP A 227 -16.49 -21.56 9.17
N ASN A 228 -16.64 -20.25 9.29
CA ASN A 228 -17.50 -19.46 8.42
C ASN A 228 -16.60 -18.89 7.35
N GLU A 229 -17.12 -18.06 6.48
CA GLU A 229 -16.25 -17.55 5.45
C GLU A 229 -15.70 -16.19 5.89
N TYR A 230 -15.81 -15.88 7.18
CA TYR A 230 -15.32 -14.59 7.72
C TYR A 230 -13.81 -14.61 7.90
N ILE A 231 -13.14 -13.54 7.51
CA ILE A 231 -11.72 -13.44 7.81
C ILE A 231 -11.53 -12.60 9.07
N HIS A 232 -10.65 -13.08 9.94
CA HIS A 232 -10.33 -12.42 11.19
C HIS A 232 -9.26 -11.35 11.00
N ILE A 233 -9.61 -10.12 11.31
CA ILE A 233 -8.68 -9.00 11.09
C ILE A 233 -8.10 -8.59 12.44
N CYS A 234 -6.79 -8.76 12.59
CA CYS A 234 -6.12 -8.57 13.87
C CYS A 234 -5.08 -7.47 13.78
N THR A 235 -4.76 -6.90 14.93
CA THR A 235 -3.74 -5.87 15.02
C THR A 235 -2.35 -6.43 14.86
N HIS A 236 -2.06 -7.53 15.55
CA HIS A 236 -0.71 -8.04 15.65
C HIS A 236 -0.44 -9.31 14.87
N LYS A 237 0.71 -9.32 14.24
CA LYS A 237 1.22 -10.45 13.50
C LYS A 237 1.20 -11.77 14.30
N ALA A 238 1.62 -11.74 15.56
CA ALA A 238 1.67 -12.96 16.37
C ALA A 238 0.30 -13.60 16.58
N ASP A 239 -0.72 -12.76 16.72
CA ASP A 239 -2.06 -13.24 16.88
C ASP A 239 -2.56 -13.95 15.61
N VAL A 240 -2.22 -13.36 14.47
CA VAL A 240 -2.60 -13.90 13.18
C VAL A 240 -1.86 -15.20 12.95
N GLU A 241 -0.58 -15.21 13.25
CA GLU A 241 0.20 -16.41 13.04
C GLU A 241 -0.36 -17.54 13.91
N LYS A 242 -0.77 -17.22 15.13
CA LYS A 242 -1.31 -18.26 15.99
C LYS A 242 -2.61 -18.83 15.44
N ILE A 243 -3.48 -17.96 14.94
CA ILE A 243 -4.78 -18.40 14.44
C ILE A 243 -4.59 -19.31 13.22
N ASN A 244 -3.82 -18.84 12.24
CA ASN A 244 -3.60 -19.60 11.02
C ASN A 244 -2.91 -20.93 11.31
N ALA A 245 -1.96 -20.93 12.23
CA ALA A 245 -1.25 -22.16 12.58
C ALA A 245 -2.15 -23.16 13.30
N ASP A 246 -2.99 -22.67 14.20
CA ASP A 246 -3.88 -23.52 14.99
C ASP A 246 -4.90 -24.19 14.08
N LYS A 247 -5.42 -23.42 13.11
CA LYS A 247 -6.43 -23.95 12.22
C LYS A 247 -5.79 -24.89 11.21
N LEU A 248 -4.59 -24.57 10.78
CA LEU A 248 -3.88 -25.42 9.85
C LEU A 248 -3.70 -26.82 10.47
N GLY A 249 -3.25 -26.84 11.72
CA GLY A 249 -2.94 -28.11 12.37
C GLY A 249 -1.63 -28.75 11.89
N GLU A 250 -1.47 -30.03 12.18
CA GLU A 250 -0.23 -30.73 11.85
C GLU A 250 -0.44 -32.00 11.04
N GLN A 251 -1.69 -32.27 10.65
CA GLN A 251 -2.00 -33.48 9.92
C GLN A 251 -2.10 -33.20 8.43
N GLU A 252 -1.44 -34.04 7.63
CA GLU A 252 -1.52 -34.00 6.19
C GLU A 252 -1.15 -32.62 5.62
N ILE A 253 -0.07 -32.07 6.17
CA ILE A 253 0.46 -30.75 5.72
C ILE A 253 1.44 -30.92 4.57
N ARG A 254 1.26 -30.16 3.51
CA ARG A 254 2.24 -30.09 2.43
C ARG A 254 2.95 -28.75 2.53
N ASN A 255 4.26 -28.76 2.31
CA ASN A 255 5.11 -27.57 2.34
C ASN A 255 5.64 -27.25 0.95
N TYR A 256 5.66 -25.97 0.59
CA TYR A 256 6.16 -25.52 -0.68
C TYR A 256 7.12 -24.36 -0.44
N ASP A 257 8.41 -24.61 -0.63
CA ASP A 257 9.42 -23.55 -0.47
C ASP A 257 9.49 -22.58 -1.62
N ILE A 258 9.67 -21.31 -1.28
CA ILE A 258 9.95 -20.28 -2.24
C ILE A 258 11.22 -20.62 -3.01
N VAL A 259 11.22 -20.27 -4.30
CA VAL A 259 12.38 -20.47 -5.17
C VAL A 259 13.01 -19.14 -5.54
N ILE A 260 14.28 -18.98 -5.19
CA ILE A 260 15.00 -17.73 -5.43
C ILE A 260 15.93 -17.94 -6.60
N LYS A 261 15.95 -16.99 -7.53
CA LYS A 261 16.93 -16.99 -8.61
C LYS A 261 17.76 -15.71 -8.59
N ASP A 262 19.07 -15.86 -8.55
CA ASP A 262 19.98 -14.70 -8.63
C ASP A 262 19.70 -13.69 -7.49
N LYS A 263 19.63 -12.37 -7.77
CA LYS A 263 19.65 -11.36 -6.69
C LYS A 263 18.24 -10.88 -6.28
N PHE A 264 17.84 -11.20 -5.05
CA PHE A 264 16.52 -10.81 -4.54
C PHE A 264 16.56 -10.31 -3.08
N PRO A 265 16.23 -9.04 -2.85
CA PRO A 265 16.21 -8.59 -1.47
C PRO A 265 15.14 -9.24 -0.61
N GLU A 266 15.60 -9.67 0.55
CA GLU A 266 14.81 -10.20 1.66
C GLU A 266 13.47 -9.46 1.82
N SER A 267 13.57 -8.13 1.91
CA SER A 267 12.41 -7.32 2.29
C SER A 267 11.48 -7.04 1.12
N SER A 268 11.83 -7.53 -0.06
CA SER A 268 11.01 -7.37 -1.23
C SER A 268 10.15 -8.60 -1.46
N ILE A 269 10.38 -9.65 -0.70
CA ILE A 269 9.62 -10.89 -0.88
C ILE A 269 8.14 -10.69 -0.53
N PRO A 270 7.22 -10.94 -1.49
CA PRO A 270 5.81 -10.60 -1.32
C PRO A 270 4.90 -11.78 -1.06
N CYS A 271 5.48 -12.92 -0.78
CA CYS A 271 4.74 -14.17 -0.72
C CYS A 271 5.30 -14.98 0.47
N ASP A 272 4.75 -16.15 0.73
CA ASP A 272 5.24 -17.01 1.80
C ASP A 272 6.63 -17.60 1.47
N LEU A 273 7.52 -17.64 2.45
CA LEU A 273 8.82 -18.32 2.28
C LEU A 273 8.61 -19.83 2.27
N HIS A 274 7.77 -20.31 3.20
CA HIS A 274 7.43 -21.72 3.30
C HIS A 274 5.92 -21.85 3.41
N LEU A 275 5.29 -22.13 2.29
CA LEU A 275 3.84 -22.18 2.23
C LEU A 275 3.37 -23.55 2.70
N LYS A 276 2.73 -23.57 3.85
CA LYS A 276 2.23 -24.81 4.43
C LYS A 276 0.70 -24.85 4.36
N LEU A 277 0.20 -25.91 3.76
CA LEU A 277 -1.21 -26.05 3.46
C LEU A 277 -1.72 -27.46 3.70
N ARG A 278 -3.03 -27.57 3.84
CA ARG A 278 -3.71 -28.87 3.79
C ARG A 278 -4.97 -28.71 2.98
N VAL A 279 -5.55 -29.81 2.56
CA VAL A 279 -6.84 -29.76 1.92
C VAL A 279 -7.81 -29.23 2.96
N GLY A 280 -8.67 -28.31 2.53
CA GLY A 280 -9.60 -27.65 3.43
C GLY A 280 -9.11 -26.33 4.03
N ALA A 281 -7.85 -25.98 3.79
CA ALA A 281 -7.30 -24.75 4.36
C ALA A 281 -7.92 -23.53 3.70
N ARG A 282 -8.14 -22.51 4.50
CA ARG A 282 -8.66 -21.19 4.04
C ARG A 282 -7.47 -20.40 3.49
N VAL A 283 -7.57 -19.95 2.25
CA VAL A 283 -6.49 -19.21 1.61
C VAL A 283 -6.94 -17.94 0.87
N MET A 284 -5.98 -17.06 0.62
CA MET A 284 -6.20 -15.82 -0.10
C MET A 284 -5.23 -15.72 -1.27
N SER A 285 -5.70 -15.29 -2.43
CA SER A 285 -4.83 -14.98 -3.54
C SER A 285 -4.04 -13.68 -3.27
N LEU A 286 -2.77 -13.67 -3.65
CA LEU A 286 -1.88 -12.53 -3.50
C LEU A 286 -1.69 -11.67 -4.75
N VAL A 287 -2.26 -12.10 -5.86
CA VAL A 287 -2.00 -11.43 -7.15
C VAL A 287 -3.28 -11.37 -8.00
N ASN A 288 -3.24 -10.55 -9.04
CA ASN A 288 -4.30 -10.47 -10.03
C ASN A 288 -3.94 -11.27 -11.27
N ASP A 289 -4.87 -12.12 -11.70
CA ASP A 289 -4.70 -12.88 -12.94
C ASP A 289 -6.03 -12.89 -13.70
N SER A 290 -6.12 -12.08 -14.75
CA SER A 290 -7.37 -11.97 -15.51
C SER A 290 -7.75 -13.30 -16.17
N LEU A 291 -6.78 -13.95 -16.80
CA LEU A 291 -7.05 -15.15 -17.58
C LEU A 291 -7.61 -16.27 -16.71
N LYS A 292 -7.00 -16.50 -15.54
CA LYS A 292 -7.43 -17.58 -14.65
C LYS A 292 -8.61 -17.14 -13.81
N GLY A 293 -8.72 -15.83 -13.62
CA GLY A 293 -9.89 -15.26 -12.98
C GLY A 293 -9.81 -15.10 -11.47
N TYR A 294 -8.66 -14.70 -10.96
CA TYR A 294 -8.56 -14.36 -9.54
C TYR A 294 -7.92 -13.01 -9.34
N TYR A 295 -8.18 -12.43 -8.17
CA TYR A 295 -7.69 -11.12 -7.84
C TYR A 295 -7.03 -11.15 -6.48
N ASN A 296 -6.21 -10.15 -6.22
CA ASN A 296 -5.56 -9.96 -4.94
C ASN A 296 -6.59 -9.73 -3.86
N GLY A 297 -6.63 -10.63 -2.89
CA GLY A 297 -7.56 -10.59 -1.79
C GLY A 297 -8.69 -11.59 -1.90
N MET A 298 -8.75 -12.31 -3.02
CA MET A 298 -9.82 -13.25 -3.24
C MET A 298 -9.63 -14.46 -2.31
N LEU A 299 -10.72 -14.89 -1.69
CA LEU A 299 -10.68 -15.99 -0.72
C LEU A 299 -11.24 -17.32 -1.27
N GLY A 300 -10.74 -18.42 -0.72
CA GLY A 300 -11.20 -19.74 -1.11
C GLY A 300 -10.73 -20.82 -0.16
N ILE A 301 -10.98 -22.07 -0.57
CA ILE A 301 -10.65 -23.25 0.22
C ILE A 301 -9.79 -24.16 -0.65
N VAL A 302 -8.67 -24.62 -0.10
CA VAL A 302 -7.80 -25.56 -0.83
C VAL A 302 -8.55 -26.88 -1.01
N THR A 303 -8.65 -27.35 -2.24
CA THR A 303 -9.30 -28.64 -2.50
C THR A 303 -8.31 -29.74 -2.99
N ALA A 304 -7.14 -29.36 -3.49
CA ALA A 304 -6.11 -30.33 -3.80
C ALA A 304 -4.72 -29.70 -3.73
N LEU A 305 -3.77 -30.55 -3.35
CA LEU A 305 -2.36 -30.20 -3.26
C LEU A 305 -1.53 -31.17 -4.04
N GLU A 306 -0.89 -30.69 -5.08
CA GLU A 306 -0.07 -31.50 -5.97
C GLU A 306 1.30 -30.87 -6.10
N ASP A 307 2.24 -31.53 -6.76
CA ASP A 307 3.61 -30.98 -6.81
C ASP A 307 3.68 -29.56 -7.39
N ASN A 308 2.95 -29.31 -8.46
CA ASN A 308 3.04 -28.03 -9.19
C ASN A 308 1.75 -27.24 -9.32
N VAL A 309 0.68 -27.74 -8.72
CA VAL A 309 -0.63 -27.11 -8.82
C VAL A 309 -1.31 -27.20 -7.48
N ILE A 310 -1.85 -26.07 -7.04
CA ILE A 310 -2.70 -26.04 -5.88
C ILE A 310 -4.08 -25.66 -6.35
N THR A 311 -5.05 -26.53 -6.11
CA THR A 311 -6.40 -26.31 -6.59
C THR A 311 -7.23 -25.73 -5.47
N VAL A 312 -7.94 -24.64 -5.79
CA VAL A 312 -8.71 -23.87 -4.83
C VAL A 312 -10.10 -23.60 -5.35
N ARG A 313 -11.09 -23.82 -4.47
CA ARG A 313 -12.48 -23.45 -4.73
C ARG A 313 -12.71 -22.11 -4.07
N MET A 314 -12.88 -21.09 -4.91
CA MET A 314 -13.06 -19.72 -4.45
C MET A 314 -14.46 -19.53 -3.90
N ASP A 315 -14.63 -18.50 -3.09
CA ASP A 315 -15.90 -18.28 -2.43
C ASP A 315 -17.01 -18.03 -3.45
N ASN A 316 -16.66 -17.59 -4.65
CA ASN A 316 -17.65 -17.42 -5.70
C ASN A 316 -17.97 -18.76 -6.39
N GLY A 317 -17.48 -19.87 -5.81
CA GLY A 317 -17.83 -21.20 -6.28
C GLY A 317 -16.95 -21.78 -7.38
N ARG A 318 -16.12 -20.93 -7.99
CA ARG A 318 -15.26 -21.30 -9.10
C ARG A 318 -13.96 -22.00 -8.63
N THR A 319 -13.62 -23.13 -9.27
CA THR A 319 -12.36 -23.81 -9.00
C THR A 319 -11.25 -23.27 -9.87
N ILE A 320 -10.13 -22.90 -9.24
CA ILE A 320 -8.99 -22.35 -9.94
C ILE A 320 -7.73 -23.16 -9.66
N LYS A 321 -6.96 -23.44 -10.70
CA LYS A 321 -5.67 -24.07 -10.61
C LYS A 321 -4.63 -22.98 -10.39
N PHE A 322 -4.05 -22.94 -9.20
CA PHE A 322 -2.95 -22.01 -8.91
C PHE A 322 -1.61 -22.69 -9.23
N GLU A 323 -0.82 -22.04 -10.04
CA GLU A 323 0.53 -22.45 -10.33
C GLU A 323 1.47 -21.45 -9.71
N ARG A 324 2.74 -21.81 -9.65
CA ARG A 324 3.71 -20.88 -9.11
C ARG A 324 3.79 -19.60 -9.95
N TYR A 325 3.87 -18.49 -9.25
CA TYR A 325 3.98 -17.16 -9.82
C TYR A 325 5.40 -16.67 -9.63
N THR A 326 5.92 -15.92 -10.60
CA THR A 326 7.27 -15.39 -10.52
C THR A 326 7.21 -13.86 -10.42
N TRP A 327 7.79 -13.35 -9.36
CA TRP A 327 7.96 -11.92 -9.14
C TRP A 327 9.37 -11.54 -9.59
N SER A 328 9.48 -10.52 -10.41
CA SER A 328 10.77 -10.12 -10.92
C SER A 328 11.35 -8.92 -10.17
N ASN A 329 12.59 -9.05 -9.75
CA ASN A 329 13.33 -7.92 -9.20
C ASN A 329 14.01 -7.22 -10.36
N THR A 330 13.60 -6.01 -10.68
CA THR A 330 14.17 -5.32 -11.83
C THR A 330 14.99 -4.15 -11.34
N GLN A 331 15.90 -3.70 -12.18
CA GLN A 331 16.57 -2.44 -11.91
C GLN A 331 16.59 -1.70 -13.22
N TYR A 332 16.66 -0.38 -13.12
CA TYR A 332 16.58 0.46 -14.29
C TYR A 332 17.96 0.66 -14.88
N THR A 333 17.98 0.80 -16.19
CA THR A 333 19.22 1.08 -16.91
C THR A 333 18.91 1.88 -18.16
N LEU A 334 19.95 2.25 -18.90
CA LEU A 334 19.78 2.97 -20.15
C LEU A 334 20.05 2.08 -21.35
N LYS A 335 19.22 2.24 -22.37
CA LYS A 335 19.47 1.60 -23.66
C LYS A 335 19.07 2.55 -24.77
N ASP A 336 20.04 2.92 -25.62
CA ASP A 336 19.76 3.78 -26.75
C ASP A 336 18.98 5.00 -26.29
N ASN A 337 19.49 5.65 -25.25
CA ASN A 337 18.97 6.93 -24.79
C ASN A 337 17.61 6.86 -24.09
N GLU A 338 17.18 5.67 -23.72
CA GLU A 338 15.92 5.51 -22.99
C GLU A 338 16.11 4.74 -21.69
N ILE A 339 15.23 4.97 -20.74
CA ILE A 339 15.22 4.19 -19.52
C ILE A 339 14.48 2.88 -19.79
N VAL A 340 15.11 1.75 -19.51
CA VAL A 340 14.47 0.45 -19.62
C VAL A 340 14.70 -0.33 -18.32
N LYS A 341 13.99 -1.45 -18.10
CA LYS A 341 14.33 -2.26 -16.95
C LYS A 341 15.01 -3.52 -17.36
N GLU A 342 15.81 -4.04 -16.44
CA GLU A 342 16.40 -5.36 -16.61
C GLU A 342 16.18 -6.16 -15.34
N GLU A 343 15.90 -7.43 -15.52
CA GLU A 343 15.73 -8.32 -14.38
C GLU A 343 17.07 -8.71 -13.80
N ILE A 344 17.25 -8.56 -12.49
CA ILE A 344 18.48 -9.04 -11.87
C ILE A 344 18.21 -10.17 -10.88
N GLY A 345 16.94 -10.55 -10.73
CA GLY A 345 16.64 -11.71 -9.91
C GLY A 345 15.16 -11.97 -9.83
N SER A 346 14.75 -13.07 -9.20
CA SER A 346 13.32 -13.35 -9.06
C SER A 346 13.03 -14.27 -7.90
N CYS A 347 11.75 -14.31 -7.53
CA CYS A 347 11.30 -15.30 -6.56
C CYS A 347 10.04 -15.91 -7.12
N THR A 348 9.89 -17.20 -6.87
CA THR A 348 8.80 -17.97 -7.45
C THR A 348 8.13 -18.78 -6.35
N GLN A 349 6.80 -18.70 -6.33
CA GLN A 349 5.98 -19.29 -5.27
C GLN A 349 4.52 -19.26 -5.68
N PHE A 350 3.71 -20.20 -5.16
CA PHE A 350 2.27 -20.13 -5.38
C PHE A 350 1.78 -18.84 -4.73
N PRO A 351 0.93 -18.10 -5.44
CA PRO A 351 0.51 -16.78 -4.91
C PRO A 351 -0.71 -16.87 -3.98
N LEU A 352 -0.52 -17.62 -2.89
CA LEU A 352 -1.56 -17.97 -1.94
C LEU A 352 -0.99 -17.85 -0.56
N THR A 353 -1.82 -17.48 0.40
CA THR A 353 -1.42 -17.48 1.81
C THR A 353 -2.60 -17.89 2.67
N LEU A 354 -2.33 -18.46 3.84
CA LEU A 354 -3.39 -18.83 4.76
C LEU A 354 -4.17 -17.58 5.18
N ALA A 355 -5.47 -17.73 5.33
CA ALA A 355 -6.37 -16.58 5.44
C ALA A 355 -7.55 -16.80 6.36
N TRP A 356 -7.38 -17.60 7.39
CA TRP A 356 -8.34 -17.56 8.48
C TRP A 356 -8.25 -16.18 9.12
N ALA A 357 -7.02 -15.66 9.18
CA ALA A 357 -6.77 -14.35 9.77
C ALA A 357 -5.77 -13.58 8.94
N ILE A 358 -5.82 -12.26 9.09
CA ILE A 358 -4.92 -11.35 8.41
C ILE A 358 -4.68 -10.13 9.33
N THR A 359 -3.49 -9.54 9.29
CA THR A 359 -3.28 -8.32 10.07
C THR A 359 -3.92 -7.14 9.39
N ILE A 360 -4.24 -6.11 10.19
CA ILE A 360 -4.78 -4.88 9.63
C ILE A 360 -3.78 -4.34 8.63
N HIS A 361 -2.48 -4.45 8.93
CA HIS A 361 -1.48 -3.92 8.01
C HIS A 361 -1.43 -4.66 6.66
N LYS A 362 -1.43 -5.99 6.67
CA LYS A 362 -1.31 -6.75 5.42
C LYS A 362 -2.63 -6.68 4.63
N SER A 363 -3.71 -6.31 5.28
CA SER A 363 -5.01 -6.24 4.61
C SER A 363 -5.28 -4.87 3.93
N GLN A 364 -4.34 -3.96 4.05
CA GLN A 364 -4.51 -2.63 3.46
C GLN A 364 -4.56 -2.73 1.96
N GLY A 365 -5.49 -1.98 1.39
CA GLY A 365 -5.70 -2.04 -0.04
C GLY A 365 -6.63 -3.17 -0.46
N LEU A 366 -7.02 -4.03 0.46
CA LEU A 366 -7.93 -5.14 0.15
C LEU A 366 -9.31 -4.92 0.72
N THR A 367 -10.31 -5.54 0.10
CA THR A 367 -11.62 -5.61 0.69
C THR A 367 -12.20 -7.02 0.62
N PHE A 368 -13.01 -7.34 1.62
CA PHE A 368 -13.59 -8.65 1.78
C PHE A 368 -15.11 -8.54 1.97
N ASP A 369 -15.83 -9.62 1.70
CA ASP A 369 -17.27 -9.63 1.93
C ASP A 369 -17.65 -9.75 3.40
N LYS A 370 -16.84 -10.48 4.17
CA LYS A 370 -17.18 -10.82 5.54
C LYS A 370 -15.96 -10.75 6.42
N ILE A 371 -15.99 -9.88 7.44
CA ILE A 371 -14.86 -9.74 8.34
C ILE A 371 -15.28 -9.78 9.80
N ILE A 372 -14.35 -10.30 10.61
CA ILE A 372 -14.41 -10.21 12.06
C ILE A 372 -13.29 -9.29 12.52
N ILE A 373 -13.68 -8.15 13.06
CA ILE A 373 -12.73 -7.25 13.67
C ILE A 373 -12.53 -7.60 15.11
N HIS A 374 -11.29 -7.88 15.43
CA HIS A 374 -10.88 -8.12 16.78
C HIS A 374 -10.48 -6.80 17.36
N VAL A 375 -11.32 -6.35 18.27
CA VAL A 375 -11.22 -5.05 18.89
C VAL A 375 -10.08 -5.02 19.87
N SER A 376 -9.55 -3.82 20.03
CA SER A 376 -8.48 -3.54 20.95
C SER A 376 -8.84 -2.31 21.74
N HIS A 377 -8.32 -2.19 22.95
CA HIS A 377 -8.47 -0.95 23.71
C HIS A 377 -7.18 -0.13 23.59
N THR A 378 -6.33 -0.54 22.65
CA THR A 378 -5.07 0.13 22.38
C THR A 378 -4.91 0.43 20.89
N PHE A 379 -6.01 0.74 20.23
CA PHE A 379 -5.95 1.10 18.80
C PHE A 379 -5.10 2.35 18.62
N CYS A 380 -4.47 2.45 17.46
CA CYS A 380 -3.80 3.67 17.03
C CYS A 380 -4.74 4.57 16.27
N PRO A 381 -4.36 5.85 16.11
CA PRO A 381 -5.16 6.73 15.26
C PRO A 381 -5.40 6.09 13.90
N GLY A 382 -6.65 6.12 13.47
CA GLY A 382 -7.02 5.67 12.16
C GLY A 382 -7.24 4.19 12.07
N GLN A 383 -6.88 3.47 13.12
CA GLN A 383 -6.87 2.02 13.03
C GLN A 383 -8.26 1.40 12.88
N LEU A 384 -9.24 1.88 13.62
CA LEU A 384 -10.59 1.35 13.51
C LEU A 384 -11.15 1.66 12.13
N TYR A 385 -10.86 2.86 11.64
CA TYR A 385 -11.31 3.26 10.32
C TYR A 385 -10.78 2.29 9.30
N VAL A 386 -9.48 2.00 9.37
CA VAL A 386 -8.88 1.11 8.38
C VAL A 386 -9.47 -0.28 8.51
N ALA A 387 -9.69 -0.75 9.73
CA ALA A 387 -10.28 -2.08 9.92
C ALA A 387 -11.66 -2.22 9.30
N LEU A 388 -12.55 -1.29 9.61
CA LEU A 388 -13.89 -1.32 9.05
C LEU A 388 -13.91 -1.17 7.55
N SER A 389 -12.98 -0.38 6.99
CA SER A 389 -12.98 -0.14 5.55
C SER A 389 -12.52 -1.39 4.79
N ARG A 390 -12.15 -2.44 5.51
CA ARG A 390 -11.80 -3.70 4.85
C ARG A 390 -13.01 -4.52 4.43
N CYS A 391 -14.21 -4.10 4.84
CA CYS A 391 -15.41 -4.81 4.41
C CYS A 391 -16.16 -4.01 3.36
N ARG A 392 -16.79 -4.73 2.44
CA ARG A 392 -17.50 -4.09 1.34
C ARG A 392 -18.84 -3.53 1.78
N THR A 393 -19.43 -4.14 2.81
CA THR A 393 -20.69 -3.67 3.37
C THR A 393 -20.67 -3.62 4.89
N LEU A 394 -21.58 -2.85 5.46
CA LEU A 394 -21.75 -2.85 6.90
C LEU A 394 -22.25 -4.20 7.40
N GLU A 395 -23.08 -4.86 6.61
CA GLU A 395 -23.73 -6.10 7.03
C GLU A 395 -22.74 -7.25 7.13
N GLY A 396 -21.59 -7.09 6.47
CA GLY A 396 -20.59 -8.13 6.44
C GLY A 396 -19.64 -8.04 7.62
N ILE A 397 -19.78 -7.02 8.47
CA ILE A 397 -18.89 -6.86 9.62
C ILE A 397 -19.43 -7.40 10.94
N VAL A 398 -18.61 -8.17 11.65
CA VAL A 398 -18.87 -8.43 13.06
C VAL A 398 -17.63 -8.08 13.87
N SER A 399 -17.85 -7.69 15.11
CA SER A 399 -16.75 -7.48 16.07
C SER A 399 -16.80 -8.45 17.25
N ASP A 400 -15.66 -8.68 17.91
CA ASP A 400 -15.61 -9.61 19.04
C ASP A 400 -15.90 -8.94 20.38
N ALA A 401 -16.04 -7.62 20.35
CA ALA A 401 -16.38 -6.86 21.54
C ALA A 401 -17.06 -5.60 21.06
N PHE A 402 -17.71 -4.89 21.98
CA PHE A 402 -18.45 -3.71 21.57
C PHE A 402 -17.50 -2.58 21.16
N ILE A 403 -17.74 -2.03 19.99
CA ILE A 403 -17.02 -0.86 19.49
C ILE A 403 -17.53 0.40 20.18
N THR A 404 -16.62 1.11 20.82
CA THR A 404 -16.99 2.33 21.52
C THR A 404 -16.21 3.53 21.00
N LYS A 405 -16.68 4.72 21.37
CA LYS A 405 -16.07 5.93 20.88
C LYS A 405 -14.57 6.02 21.20
N GLN A 406 -14.15 5.39 22.29
CA GLN A 406 -12.75 5.29 22.67
C GLN A 406 -11.85 4.74 21.57
N MET A 407 -12.45 3.94 20.70
CA MET A 407 -11.70 3.26 19.64
C MET A 407 -11.65 4.07 18.36
N ILE A 408 -12.40 5.17 18.35
CA ILE A 408 -12.59 5.99 17.17
C ILE A 408 -11.59 7.13 17.28
N ILE A 409 -10.35 6.90 16.85
CA ILE A 409 -9.25 7.83 17.15
C ILE A 409 -8.81 8.55 15.86
N PRO A 410 -9.03 9.87 15.79
CA PRO A 410 -8.73 10.55 14.53
C PRO A 410 -7.27 10.80 14.35
N GLU A 411 -6.83 10.92 13.10
CA GLU A 411 -5.49 11.38 12.79
C GLU A 411 -5.62 12.78 12.20
N TYR A 412 -5.54 13.79 13.04
CA TYR A 412 -5.92 15.13 12.60
C TYR A 412 -4.90 15.69 11.61
N ALA A 413 -3.65 15.26 11.71
CA ALA A 413 -2.65 15.73 10.75
C ALA A 413 -3.09 15.43 9.32
N LEU A 414 -3.68 14.26 9.12
CA LEU A 414 -4.12 13.82 7.80
C LEU A 414 -5.43 14.50 7.39
N ILE A 415 -6.38 14.54 8.31
CA ILE A 415 -7.64 15.20 8.08
C ILE A 415 -7.41 16.67 7.68
N ASP A 416 -6.59 17.36 8.46
CA ASP A 416 -6.34 18.79 8.25
C ASP A 416 -5.57 19.04 6.97
N PHE A 417 -4.64 18.13 6.62
CA PHE A 417 -3.98 18.21 5.33
C PHE A 417 -4.96 18.11 4.18
N GLU A 418 -5.90 17.17 4.23
CA GLU A 418 -6.89 17.04 3.17
C GLU A 418 -7.73 18.32 3.09
N ARG A 419 -8.16 18.83 4.24
CA ARG A 419 -8.99 20.03 4.21
C ARG A 419 -8.19 21.23 3.71
N ALA A 420 -6.89 21.26 4.04
CA ALA A 420 -6.00 22.31 3.52
C ALA A 420 -5.93 22.33 1.99
N TYR A 421 -5.70 21.18 1.36
CA TYR A 421 -5.49 21.25 -0.08
C TYR A 421 -6.83 21.43 -0.79
N LYS A 422 -7.89 20.85 -0.23
CA LYS A 422 -9.22 21.01 -0.82
C LYS A 422 -9.66 22.47 -0.82
N SER A 423 -9.30 23.17 0.24
CA SER A 423 -9.76 24.54 0.41
C SER A 423 -8.86 25.53 -0.33
N GLU A 424 -7.77 25.02 -0.89
CA GLU A 424 -6.83 25.87 -1.62
C GLU A 424 -6.63 25.41 -3.05
N GLY A 425 -7.70 24.99 -3.69
CA GLY A 425 -7.69 24.64 -5.10
C GLY A 425 -7.00 23.33 -5.42
N ASN A 426 -7.16 22.34 -4.52
CA ASN A 426 -6.55 21.02 -4.68
C ASN A 426 -5.07 21.14 -4.98
N TYR A 427 -4.38 21.90 -4.14
CA TYR A 427 -2.95 22.17 -4.27
C TYR A 427 -2.38 22.34 -2.88
N TYR A 428 -1.12 21.93 -2.73
CA TYR A 428 -0.38 22.07 -1.49
C TYR A 428 1.07 22.46 -1.74
N GLY A 429 1.59 23.36 -0.92
CA GLY A 429 2.97 23.81 -1.02
C GLY A 429 3.11 25.12 -1.77
N LYS A 430 4.35 25.39 -2.21
CA LYS A 430 4.66 26.67 -2.85
C LYS A 430 4.03 26.77 -4.22
N ARG A 431 3.35 27.90 -4.38
CA ARG A 431 2.64 28.42 -5.57
C ARG A 431 1.22 27.89 -5.66
P PO4 B . -6.73 0.48 -5.96
O1 PO4 B . -5.35 0.17 -6.40
O2 PO4 B . -7.75 -0.06 -6.95
O3 PO4 B . -7.03 -0.21 -4.64
O4 PO4 B . -6.88 1.95 -5.72
#